data_8GM5
#
_entry.id   8GM5
#
_cell.length_a   80.909
_cell.length_b   61.041
_cell.length_c   88.958
_cell.angle_alpha   90.00
_cell.angle_beta   111.26
_cell.angle_gamma   90.00
#
_symmetry.space_group_name_H-M   'P 1 21 1'
#
loop_
_entity.id
_entity.type
_entity.pdbx_description
1 polymer 'Eukaryotic elongation factor 2 kinase'
2 polymer Calmodulin-1
3 non-polymer "ADENOSINE-5'-DIPHOSPHATE"
4 non-polymer 7-amino-1-cyclopropyl-3-ethyl-2,4-dioxo-1,2,3,4-tetrahydropyrido[2,3-d]pyrimidine-6-carboxamide
5 non-polymer 'ZINC ION'
6 non-polymer 'CALCIUM ION'
7 water water
#
loop_
_entity_poly.entity_id
_entity_poly.type
_entity_poly.pdbx_seq_one_letter_code
_entity_poly.pdbx_strand_id
1 'polypeptide(L)'
;SSSGSPANSFHFKEAWKHAIQKAKHMPDPWAEFHLEDIATERATRHRYNAVTGEWLDDEVLIKMASQPFGRGAMRECFRT
KKLSNFLHAQQWKGASNYVAKRYIEPVDRDVYFEDVRLQMEAKLWGEEYNRHKPPKQVDIMQMCIIELKDRPGKPLFHLE
HYIEGKYIKYNSNSGFVRDDNIRLTPQAFSHFTFERSGHQLIVVDIQGVGDLYTDPQIHTETGTDFGDGNLGVRGMALFF
YSHACNRICESMGLAPFDLSPRERDAVNQNTKLLQSAK(TPO)ILRGTEEKCGGGGGGGNSSRLHLPRASAVALEVQRLN
ALDLEKKIGKSILGKVHLAMVRYHEGGRFCEKGEEWDQESAVFHLEHAANLGELEAIVGLGLMYSQLPHHILADVSLKET
EENKTKGFDYLLKAAEAGDRQSMILVARAFDSGQNLSPDRCQDWLEALHWYNTALEMTDCDEGGEYDGMQDEPRYMMLAR
EAEMLFTGGYGLEKDPQRSGDLYTQAAEAAMEAMKGRLANQYYQKAEEAWAQMEE
;
A
2 'polypeptide(L)'
;ADQLTEEQIAEFKEAFSLFDKDGDGTITTKELGTVMRSLGQNPTEAELQDMINEVDADGNGTIDFPEFLTMMARKMKDTD
SEEEIREAFRVFDKDGNGYISAAELRHVMTNLGEKLTDEEVDEMIREADIDGDGQVNYEEFVQMMTAK
;
B
#
loop_
_chem_comp.id
_chem_comp.type
_chem_comp.name
_chem_comp.formula
ADP non-polymer ADENOSINE-5'-DIPHOSPHATE 'C10 H15 N5 O10 P2'
CA non-polymer 'CALCIUM ION' 'Ca 2'
EKI non-polymer 7-amino-1-cyclopropyl-3-ethyl-2,4-dioxo-1,2,3,4-tetrahydropyrido[2,3-d]pyrimidine-6-carboxamide 'C13 H15 N5 O3'
ZN non-polymer 'ZINC ION' 'Zn 2'
#
# COMPACT_ATOMS: atom_id res chain seq x y z
N PHE A 10 -41.70 1.33 9.11
CA PHE A 10 -41.14 2.58 9.62
C PHE A 10 -41.32 2.68 11.13
N HIS A 11 -40.82 1.67 11.86
CA HIS A 11 -40.95 1.61 13.30
C HIS A 11 -39.93 2.47 14.04
N PHE A 12 -39.23 3.36 13.33
CA PHE A 12 -38.17 4.17 13.94
C PHE A 12 -38.27 5.64 13.59
N LYS A 13 -39.36 6.08 12.96
CA LYS A 13 -39.53 7.50 12.66
C LYS A 13 -39.47 8.34 13.93
N GLU A 14 -40.04 7.83 15.02
CA GLU A 14 -40.03 8.56 16.29
C GLU A 14 -38.61 8.82 16.76
N ALA A 15 -37.70 7.87 16.55
CA ALA A 15 -36.30 8.06 16.94
C ALA A 15 -35.65 9.17 16.13
N TRP A 16 -35.86 9.16 14.81
CA TRP A 16 -35.39 10.24 13.96
C TRP A 16 -35.88 11.60 14.46
N LYS A 17 -37.19 11.69 14.77
CA LYS A 17 -37.75 12.98 15.19
C LYS A 17 -37.19 13.41 16.54
N HIS A 18 -37.05 12.48 17.48
CA HIS A 18 -36.49 12.83 18.78
C HIS A 18 -35.05 13.34 18.64
N ALA A 19 -34.26 12.68 17.77
CA ALA A 19 -32.90 13.15 17.53
C ALA A 19 -32.89 14.51 16.87
N ILE A 20 -33.81 14.76 15.93
CA ILE A 20 -33.88 16.07 15.28
C ILE A 20 -34.16 17.15 16.30
N GLN A 21 -35.10 16.90 17.21
CA GLN A 21 -35.43 17.91 18.23
C GLN A 21 -34.25 18.15 19.16
N LYS A 22 -33.63 17.07 19.63
CA LYS A 22 -32.44 17.22 20.48
C LYS A 22 -31.40 18.08 19.79
N ALA A 23 -31.07 17.77 18.53
CA ALA A 23 -30.10 18.56 17.78
C ALA A 23 -30.55 20.01 17.66
N LYS A 24 -31.84 20.24 17.43
CA LYS A 24 -32.37 21.60 17.37
C LYS A 24 -32.18 22.34 18.67
N HIS A 25 -32.00 21.64 19.79
CA HIS A 25 -31.78 22.29 21.07
C HIS A 25 -30.36 22.15 21.62
N MET A 26 -29.44 21.48 20.89
CA MET A 26 -28.06 21.41 21.36
C MET A 26 -27.31 22.69 21.02
N PRO A 27 -26.36 23.09 21.86
CA PRO A 27 -25.61 24.32 21.61
C PRO A 27 -24.44 24.09 20.67
N ASP A 28 -24.01 25.18 20.04
CA ASP A 28 -22.87 25.14 19.12
C ASP A 28 -21.59 24.94 19.92
N PRO A 29 -20.81 23.90 19.65
CA PRO A 29 -19.53 23.73 20.35
C PRO A 29 -18.53 24.83 20.07
N TRP A 30 -18.74 25.64 19.03
CA TRP A 30 -17.80 26.67 18.64
C TRP A 30 -18.32 28.08 18.87
N ALA A 31 -19.41 28.22 19.63
CA ALA A 31 -19.97 29.54 19.91
C ALA A 31 -18.96 30.46 20.59
N GLU A 32 -18.08 29.90 21.42
CA GLU A 32 -17.11 30.70 22.15
C GLU A 32 -16.09 31.37 21.25
N PHE A 33 -15.94 30.92 20.00
CA PHE A 33 -14.95 31.48 19.09
C PHE A 33 -15.50 32.57 18.18
N HIS A 34 -16.82 32.78 18.16
CA HIS A 34 -17.46 33.88 17.45
C HIS A 34 -16.98 33.98 16.00
N LEU A 35 -16.99 32.83 15.31
CA LEU A 35 -16.60 32.82 13.91
C LEU A 35 -17.54 33.65 13.04
N GLU A 36 -18.78 33.86 13.47
CA GLU A 36 -19.73 34.62 12.68
C GLU A 36 -19.34 36.08 12.55
N ASP A 37 -18.46 36.58 13.43
CA ASP A 37 -18.01 37.96 13.34
C ASP A 37 -16.89 38.14 12.32
N ILE A 38 -16.24 37.06 11.91
CA ILE A 38 -15.16 37.15 10.94
C ILE A 38 -15.72 37.63 9.60
N ALA A 39 -14.92 38.44 8.89
CA ALA A 39 -15.36 38.96 7.60
C ALA A 39 -15.57 37.83 6.61
N THR A 40 -16.69 37.86 5.90
CA THR A 40 -17.02 36.82 4.96
C THR A 40 -16.08 36.87 3.75
N GLU A 41 -15.74 35.69 3.23
CA GLU A 41 -14.90 35.57 2.05
C GLU A 41 -15.58 34.68 1.02
N ARG A 42 -15.33 34.99 -0.25
CA ARG A 42 -15.85 34.20 -1.35
C ARG A 42 -14.83 33.14 -1.74
N ALA A 43 -15.34 31.96 -2.11
CA ALA A 43 -14.44 30.89 -2.56
C ALA A 43 -15.16 30.04 -3.57
N THR A 44 -14.38 29.36 -4.39
CA THR A 44 -14.90 28.35 -5.31
C THR A 44 -14.65 26.98 -4.73
N ARG A 45 -15.71 26.18 -4.59
CA ARG A 45 -15.61 24.83 -4.07
C ARG A 45 -15.57 23.82 -5.21
N HIS A 46 -14.62 22.89 -5.14
CA HIS A 46 -14.48 21.75 -6.03
C HIS A 46 -14.76 20.47 -5.26
N ARG A 47 -15.76 19.72 -5.70
CA ARG A 47 -16.14 18.46 -5.07
C ARG A 47 -16.02 17.32 -6.07
N TYR A 48 -15.47 16.19 -5.60
CA TYR A 48 -15.08 15.11 -6.48
C TYR A 48 -16.01 13.91 -6.32
N ASN A 49 -16.24 13.21 -7.42
CA ASN A 49 -17.00 11.96 -7.45
C ASN A 49 -16.05 10.88 -7.95
N ALA A 50 -15.72 9.93 -7.08
CA ALA A 50 -14.70 8.93 -7.37
C ALA A 50 -15.24 7.80 -8.24
N VAL A 51 -16.54 7.53 -8.17
CA VAL A 51 -17.14 6.51 -9.04
C VAL A 51 -17.09 6.99 -10.48
N THR A 52 -17.56 8.21 -10.74
CA THR A 52 -17.53 8.77 -12.08
C THR A 52 -16.20 9.43 -12.41
N GLY A 53 -15.41 9.78 -11.40
CA GLY A 53 -14.20 10.55 -11.63
C GLY A 53 -14.44 11.99 -12.04
N GLU A 54 -15.56 12.57 -11.65
CA GLU A 54 -15.96 13.88 -12.17
C GLU A 54 -15.95 14.93 -11.07
N TRP A 55 -15.64 16.16 -11.45
CA TRP A 55 -15.58 17.29 -10.52
C TRP A 55 -16.78 18.21 -10.73
N LEU A 56 -17.29 18.77 -9.63
CA LEU A 56 -18.38 19.73 -9.66
C LEU A 56 -17.95 20.96 -8.88
N ASP A 57 -18.11 22.13 -9.50
CA ASP A 57 -17.66 23.39 -8.94
C ASP A 57 -18.85 24.28 -8.63
N ASP A 58 -18.82 24.95 -7.48
CA ASP A 58 -19.81 25.97 -7.16
C ASP A 58 -19.16 27.09 -6.38
N GLU A 59 -19.95 28.11 -6.05
CA GLU A 59 -19.49 29.28 -5.32
C GLU A 59 -20.02 29.23 -3.90
N VAL A 60 -19.15 29.43 -2.92
CA VAL A 60 -19.52 29.36 -1.51
C VAL A 60 -18.97 30.58 -0.79
N LEU A 61 -19.55 30.82 0.39
CA LEU A 61 -19.13 31.89 1.29
C LEU A 61 -18.64 31.26 2.58
N ILE A 62 -17.45 31.68 3.02
CA ILE A 62 -16.80 31.06 4.17
C ILE A 62 -16.35 32.14 5.15
N LYS A 63 -16.34 31.79 6.43
CA LYS A 63 -15.74 32.60 7.49
C LYS A 63 -14.73 31.73 8.20
N MET A 64 -13.45 32.07 8.09
CA MET A 64 -12.38 31.22 8.59
C MET A 64 -11.57 31.93 9.65
N ALA A 65 -11.20 31.19 10.69
CA ALA A 65 -10.36 31.73 11.75
C ALA A 65 -8.97 32.07 11.21
N SER A 66 -8.36 33.10 11.79
CA SER A 66 -7.05 33.55 11.36
C SER A 66 -5.93 32.66 11.86
N GLN A 67 -6.17 31.86 12.89
CA GLN A 67 -5.13 31.04 13.49
C GLN A 67 -5.54 29.58 13.50
N PRO A 68 -4.59 28.67 13.33
CA PRO A 68 -4.94 27.24 13.34
C PRO A 68 -5.16 26.71 14.76
N PHE A 69 -6.20 25.88 14.90
CA PHE A 69 -6.53 25.31 16.21
C PHE A 69 -5.87 23.95 16.43
N GLY A 70 -5.37 23.33 15.37
CA GLY A 70 -4.70 22.06 15.47
C GLY A 70 -3.75 21.92 14.30
N ARG A 71 -2.85 20.96 14.41
CA ARG A 71 -1.82 20.83 13.39
C ARG A 71 -1.22 19.43 13.44
N GLY A 72 -0.57 19.06 12.34
CA GLY A 72 0.23 17.86 12.28
C GLY A 72 1.62 18.19 11.82
N ALA A 73 2.35 17.21 11.29
CA ALA A 73 3.69 17.47 10.78
C ALA A 73 3.63 18.21 9.45
N MET A 74 2.65 17.87 8.60
CA MET A 74 2.53 18.47 7.28
C MET A 74 1.39 19.47 7.15
N ARG A 75 0.28 19.27 7.85
CA ARG A 75 -0.94 20.03 7.61
C ARG A 75 -1.46 20.66 8.89
N GLU A 76 -2.07 21.84 8.75
CA GLU A 76 -2.68 22.56 9.86
C GLU A 76 -4.15 22.83 9.57
N CYS A 77 -4.93 22.95 10.65
CA CYS A 77 -6.39 22.99 10.59
C CYS A 77 -6.92 24.29 11.15
N PHE A 78 -7.95 24.83 10.50
CA PHE A 78 -8.59 26.09 10.85
C PHE A 78 -10.08 25.86 11.02
N ARG A 79 -10.65 26.52 12.03
CA ARG A 79 -12.08 26.48 12.27
C ARG A 79 -12.80 27.37 11.26
N THR A 80 -13.77 26.81 10.55
CA THR A 80 -14.45 27.50 9.47
C THR A 80 -15.94 27.33 9.61
N LYS A 81 -16.68 28.33 9.14
CA LYS A 81 -18.11 28.23 8.96
C LYS A 81 -18.43 28.50 7.49
N LYS A 82 -19.44 27.82 6.97
CA LYS A 82 -19.80 27.94 5.57
C LYS A 82 -21.30 27.77 5.41
N LEU A 83 -21.88 28.53 4.49
CA LEU A 83 -23.30 28.40 4.20
C LEU A 83 -23.54 27.24 3.24
N SER A 84 -24.67 26.56 3.43
CA SER A 84 -25.03 25.44 2.59
C SER A 84 -25.68 25.93 1.30
N ASN A 85 -25.25 25.37 0.18
CA ASN A 85 -25.91 25.57 -1.10
C ASN A 85 -27.00 24.52 -1.33
N PHE A 86 -27.14 23.57 -0.42
CA PHE A 86 -28.25 22.62 -0.42
C PHE A 86 -29.49 23.26 0.21
N LEU A 87 -29.31 23.92 1.35
CA LEU A 87 -30.36 24.73 1.93
C LEU A 87 -30.64 25.94 1.05
N HIS A 88 -31.89 26.41 1.09
CA HIS A 88 -32.30 27.50 0.20
C HIS A 88 -32.09 28.88 0.81
N ALA A 89 -32.17 29.00 2.14
CA ALA A 89 -32.01 30.31 2.78
C ALA A 89 -31.39 30.12 4.17
N GLN A 90 -30.16 29.63 4.23
CA GLN A 90 -29.47 29.49 5.50
C GLN A 90 -28.82 30.79 5.92
N GLN A 91 -28.97 31.13 7.19
CA GLN A 91 -28.34 32.30 7.79
C GLN A 91 -27.10 31.86 8.58
N TRP A 92 -26.19 32.82 8.78
CA TRP A 92 -24.93 32.49 9.46
C TRP A 92 -25.14 31.98 10.88
N LYS A 93 -26.28 32.28 11.50
CA LYS A 93 -26.54 31.75 12.85
C LYS A 93 -26.68 30.24 12.85
N GLY A 94 -27.06 29.65 11.73
CA GLY A 94 -27.23 28.21 11.66
C GLY A 94 -26.26 27.50 10.74
N ALA A 95 -25.16 28.17 10.40
CA ALA A 95 -24.17 27.56 9.52
C ALA A 95 -23.46 26.41 10.23
N SER A 96 -23.18 25.35 9.48
CA SER A 96 -22.50 24.19 10.04
C SER A 96 -21.02 24.51 10.26
N ASN A 97 -20.39 23.69 11.11
CA ASN A 97 -18.98 23.84 11.44
C ASN A 97 -18.13 22.97 10.53
N TYR A 98 -17.02 23.55 10.04
CA TYR A 98 -16.13 22.87 9.12
C TYR A 98 -14.69 23.04 9.58
N VAL A 99 -13.84 22.13 9.13
CA VAL A 99 -12.40 22.20 9.34
C VAL A 99 -11.75 22.38 7.98
N ALA A 100 -10.95 23.44 7.86
CA ALA A 100 -10.19 23.73 6.65
C ALA A 100 -8.72 23.40 6.90
N LYS A 101 -8.12 22.64 6.00
CA LYS A 101 -6.76 22.15 6.19
C LYS A 101 -5.86 22.68 5.08
N ARG A 102 -4.63 23.02 5.45
CA ARG A 102 -3.65 23.48 4.47
C ARG A 102 -2.27 22.99 4.86
N TYR A 103 -1.44 22.73 3.84
CA TYR A 103 -0.06 22.33 4.08
C TYR A 103 0.73 23.50 4.68
N ILE A 104 1.45 23.23 5.76
CA ILE A 104 2.24 24.28 6.40
C ILE A 104 3.29 24.81 5.43
N GLU A 105 4.08 23.92 4.85
CA GLU A 105 4.98 24.35 3.79
C GLU A 105 4.25 24.35 2.45
N PRO A 106 4.48 25.34 1.59
CA PRO A 106 3.78 25.39 0.30
C PRO A 106 4.06 24.15 -0.54
N VAL A 107 3.07 23.79 -1.36
CA VAL A 107 3.16 22.66 -2.27
C VAL A 107 2.52 23.06 -3.59
N ASP A 108 2.63 22.16 -4.57
CA ASP A 108 1.97 22.39 -5.85
C ASP A 108 0.46 22.29 -5.69
N ARG A 109 -0.27 23.01 -6.55
N ARG A 109 -0.26 23.03 -6.53
CA ARG A 109 -1.72 23.03 -6.44
CA ARG A 109 -1.72 23.04 -6.46
C ARG A 109 -2.34 21.66 -6.68
C ARG A 109 -2.29 21.63 -6.62
N ASP A 110 -1.73 20.83 -7.52
CA ASP A 110 -2.30 19.53 -7.82
C ASP A 110 -2.22 18.56 -6.65
N VAL A 111 -1.38 18.84 -5.65
CA VAL A 111 -1.35 17.99 -4.46
C VAL A 111 -2.71 18.01 -3.76
N TYR A 112 -3.38 19.17 -3.76
CA TYR A 112 -4.70 19.25 -3.12
C TYR A 112 -5.72 18.38 -3.85
N PHE A 113 -5.72 18.43 -5.18
CA PHE A 113 -6.65 17.61 -5.96
C PHE A 113 -6.34 16.12 -5.80
N GLU A 114 -5.06 15.75 -5.80
CA GLU A 114 -4.71 14.35 -5.62
C GLU A 114 -5.08 13.87 -4.21
N ASP A 115 -4.96 14.74 -3.20
CA ASP A 115 -5.37 14.36 -1.86
C ASP A 115 -6.88 14.13 -1.80
N VAL A 116 -7.65 14.93 -2.54
CA VAL A 116 -9.09 14.69 -2.60
C VAL A 116 -9.38 13.33 -3.24
N ARG A 117 -8.71 13.04 -4.36
CA ARG A 117 -8.88 11.72 -4.98
C ARG A 117 -8.52 10.59 -4.03
N LEU A 118 -7.43 10.77 -3.28
CA LEU A 118 -7.02 9.80 -2.26
C LEU A 118 -8.14 9.56 -1.25
N GLN A 119 -8.63 10.63 -0.64
CA GLN A 119 -9.62 10.49 0.42
C GLN A 119 -10.91 9.84 -0.10
N MET A 120 -11.34 10.21 -1.31
CA MET A 120 -12.58 9.63 -1.83
C MET A 120 -12.41 8.16 -2.25
N GLU A 121 -11.22 7.78 -2.74
CA GLU A 121 -10.97 6.36 -2.97
C GLU A 121 -10.99 5.59 -1.66
N ALA A 122 -10.34 6.13 -0.63
CA ALA A 122 -10.40 5.49 0.68
C ALA A 122 -11.83 5.37 1.19
N LYS A 123 -12.67 6.37 0.88
CA LYS A 123 -14.08 6.28 1.24
C LYS A 123 -14.76 5.11 0.54
N LEU A 124 -14.48 4.93 -0.76
CA LEU A 124 -14.99 3.76 -1.46
C LEU A 124 -14.56 2.47 -0.79
N TRP A 125 -13.31 2.42 -0.32
CA TRP A 125 -12.83 1.20 0.33
C TRP A 125 -13.52 1.00 1.68
N GLY A 126 -13.81 2.08 2.40
CA GLY A 126 -14.61 1.96 3.61
C GLY A 126 -15.98 1.37 3.34
N GLU A 127 -16.60 1.78 2.24
CA GLU A 127 -17.91 1.22 1.88
C GLU A 127 -17.78 -0.27 1.52
N GLU A 128 -16.71 -0.64 0.81
CA GLU A 128 -16.50 -2.04 0.47
C GLU A 128 -16.31 -2.88 1.73
N TYR A 129 -15.56 -2.36 2.71
CA TYR A 129 -15.42 -3.05 3.99
C TYR A 129 -16.76 -3.19 4.70
N ASN A 130 -17.54 -2.11 4.73
CA ASN A 130 -18.86 -2.17 5.35
C ASN A 130 -19.75 -3.22 4.71
N ARG A 131 -19.60 -3.44 3.39
CA ARG A 131 -20.44 -4.44 2.73
C ARG A 131 -20.14 -5.87 3.17
N HIS A 132 -19.12 -6.10 3.99
CA HIS A 132 -18.85 -7.43 4.51
C HIS A 132 -19.41 -7.63 5.92
N LYS A 133 -20.39 -6.82 6.30
CA LYS A 133 -21.09 -6.88 7.59
C LYS A 133 -20.12 -6.99 8.76
N PRO A 134 -19.32 -5.95 9.03
CA PRO A 134 -18.38 -6.03 10.15
C PRO A 134 -19.07 -5.70 11.47
N PRO A 135 -18.43 -5.97 12.60
CA PRO A 135 -19.05 -5.58 13.88
C PRO A 135 -19.39 -4.11 13.98
N LYS A 136 -18.45 -3.24 13.62
CA LYS A 136 -18.68 -1.80 13.56
C LYS A 136 -18.32 -1.29 12.17
N GLN A 137 -19.22 -0.50 11.59
CA GLN A 137 -19.00 0.05 10.26
C GLN A 137 -18.14 1.30 10.34
N VAL A 138 -17.47 1.61 9.23
CA VAL A 138 -16.59 2.77 9.14
C VAL A 138 -17.14 3.74 8.10
N ASP A 139 -16.62 4.97 8.13
CA ASP A 139 -16.85 5.96 7.09
C ASP A 139 -15.68 6.92 7.04
N ILE A 140 -15.24 7.23 5.82
CA ILE A 140 -14.20 8.23 5.59
C ILE A 140 -14.90 9.53 5.17
N MET A 141 -14.57 10.62 5.84
CA MET A 141 -15.23 11.89 5.58
C MET A 141 -14.90 12.39 4.18
N GLN A 142 -15.93 12.91 3.51
CA GLN A 142 -15.72 13.59 2.25
C GLN A 142 -14.86 14.84 2.46
N MET A 143 -13.83 14.99 1.64
CA MET A 143 -13.02 16.19 1.59
C MET A 143 -13.17 16.86 0.24
N CYS A 144 -13.26 18.19 0.24
CA CYS A 144 -13.34 18.95 -0.99
C CYS A 144 -12.25 20.02 -0.98
N ILE A 145 -12.23 20.86 -2.01
CA ILE A 145 -11.28 21.95 -2.11
C ILE A 145 -12.04 23.27 -2.17
N ILE A 146 -11.55 24.27 -1.46
CA ILE A 146 -12.00 25.64 -1.62
C ILE A 146 -10.82 26.47 -2.11
N GLU A 147 -11.10 27.37 -3.06
CA GLU A 147 -10.11 28.26 -3.65
C GLU A 147 -10.51 29.68 -3.32
N LEU A 148 -9.62 30.41 -2.63
CA LEU A 148 -9.93 31.77 -2.18
C LEU A 148 -9.32 32.77 -3.17
N LYS A 149 -10.07 33.06 -4.24
CA LYS A 149 -9.54 33.82 -5.35
C LYS A 149 -9.20 35.27 -4.99
N ASP A 150 -9.84 35.83 -3.96
CA ASP A 150 -9.57 37.20 -3.58
C ASP A 150 -8.41 37.32 -2.60
N ARG A 151 -7.91 36.20 -2.07
CA ARG A 151 -6.75 36.22 -1.20
C ARG A 151 -5.46 36.24 -2.00
N PRO A 152 -4.40 36.87 -1.48
CA PRO A 152 -3.12 36.90 -2.21
C PRO A 152 -2.58 35.50 -2.46
N GLY A 153 -2.26 35.23 -3.72
CA GLY A 153 -1.82 33.93 -4.14
C GLY A 153 -2.92 33.01 -4.62
N LYS A 154 -4.18 33.41 -4.44
CA LYS A 154 -5.33 32.55 -4.72
C LYS A 154 -5.15 31.16 -4.11
N PRO A 155 -5.04 31.07 -2.79
CA PRO A 155 -4.64 29.81 -2.16
C PRO A 155 -5.77 28.79 -2.15
N LEU A 156 -5.37 27.55 -1.88
CA LEU A 156 -6.25 26.38 -1.84
C LEU A 156 -6.29 25.83 -0.42
N PHE A 157 -7.47 25.41 0.01
CA PHE A 157 -7.66 24.74 1.28
C PHE A 157 -8.48 23.47 1.04
N HIS A 158 -8.22 22.43 1.83
CA HIS A 158 -9.14 21.31 1.92
C HIS A 158 -10.24 21.64 2.92
N LEU A 159 -11.44 21.16 2.66
CA LEU A 159 -12.57 21.43 3.56
C LEU A 159 -13.31 20.14 3.86
N GLU A 160 -13.65 19.95 5.13
CA GLU A 160 -14.50 18.83 5.53
C GLU A 160 -15.33 19.25 6.72
N HIS A 161 -16.36 18.47 7.03
CA HIS A 161 -17.20 18.78 8.18
C HIS A 161 -16.45 18.52 9.48
N TYR A 162 -16.78 19.30 10.51
CA TYR A 162 -16.16 19.13 11.81
C TYR A 162 -16.82 17.99 12.56
N ILE A 163 -16.01 17.04 13.00
CA ILE A 163 -16.49 15.92 13.81
C ILE A 163 -16.04 16.15 15.24
N GLU A 164 -17.02 16.35 16.13
CA GLU A 164 -16.74 16.58 17.54
C GLU A 164 -16.39 15.28 18.24
N GLY A 165 -15.48 15.37 19.20
CA GLY A 165 -15.04 14.21 19.96
C GLY A 165 -13.53 14.11 19.97
N LYS A 166 -13.05 13.03 20.59
CA LYS A 166 -11.61 12.81 20.76
C LYS A 166 -11.01 12.38 19.43
N TYR A 167 -10.18 13.25 18.84
CA TYR A 167 -9.46 12.90 17.63
C TYR A 167 -8.30 11.98 17.99
N ILE A 168 -8.30 10.77 17.45
CA ILE A 168 -7.31 9.75 17.77
C ILE A 168 -6.69 9.26 16.47
N LYS A 169 -5.36 9.11 16.46
CA LYS A 169 -4.66 8.47 15.37
C LYS A 169 -4.46 6.99 15.71
N TYR A 170 -5.10 6.11 14.95
CA TYR A 170 -5.06 4.68 15.27
C TYR A 170 -3.81 4.01 14.73
N ASN A 171 -3.42 4.34 13.50
CA ASN A 171 -2.14 3.92 12.95
C ASN A 171 -1.62 5.04 12.07
N SER A 172 -0.37 4.89 11.64
CA SER A 172 0.24 5.84 10.73
C SER A 172 0.45 5.17 9.37
N ASN A 173 1.13 5.88 8.47
CA ASN A 173 1.60 5.29 7.23
C ASN A 173 3.05 4.81 7.35
N SER A 174 3.54 4.65 8.58
CA SER A 174 4.94 4.28 8.79
C SER A 174 5.10 3.24 9.89
N GLY A 175 4.05 2.48 10.21
CA GLY A 175 4.16 1.37 11.13
C GLY A 175 3.69 1.64 12.55
N PHE A 176 3.21 2.83 12.85
CA PHE A 176 2.69 3.11 14.18
C PHE A 176 1.36 2.40 14.39
N VAL A 177 1.15 1.89 15.61
CA VAL A 177 -0.13 1.34 16.04
C VAL A 177 -0.40 1.84 17.45
N ARG A 178 -1.65 2.20 17.73
CA ARG A 178 -2.02 2.68 19.06
C ARG A 178 -2.31 1.50 19.99
N ASP A 180 -2.49 1.01 23.52
CA ASP A 180 -3.22 1.92 24.39
C ASP A 180 -4.72 1.88 24.07
N ASN A 181 -5.47 1.10 24.86
CA ASN A 181 -6.90 0.88 24.61
C ASN A 181 -7.13 0.44 23.17
N ILE A 182 -6.39 -0.59 22.76
CA ILE A 182 -6.33 -1.01 21.36
C ILE A 182 -7.73 -1.25 20.82
N ARG A 183 -8.00 -0.71 19.63
CA ARG A 183 -9.25 -0.92 18.92
C ARG A 183 -9.00 -1.86 17.75
N LEU A 184 -10.00 -2.68 17.47
CA LEU A 184 -9.85 -3.72 16.45
C LEU A 184 -10.20 -3.23 15.05
N THR A 185 -11.25 -2.42 14.94
CA THR A 185 -11.77 -2.05 13.62
C THR A 185 -10.76 -1.35 12.73
N PRO A 186 -9.96 -0.38 13.18
CA PRO A 186 -9.03 0.29 12.24
C PRO A 186 -8.01 -0.65 11.61
N GLN A 187 -7.37 -1.50 12.42
CA GLN A 187 -6.36 -2.40 11.89
C GLN A 187 -6.99 -3.47 11.02
N ALA A 188 -8.17 -3.96 11.42
CA ALA A 188 -8.90 -4.91 10.58
C ALA A 188 -9.24 -4.29 9.24
N PHE A 189 -9.64 -3.02 9.24
CA PHE A 189 -9.97 -2.32 7.99
C PHE A 189 -8.75 -2.23 7.07
N SER A 190 -7.60 -1.83 7.63
CA SER A 190 -6.38 -1.75 6.82
C SER A 190 -6.04 -3.10 6.21
N HIS A 191 -6.02 -4.15 7.04
CA HIS A 191 -5.69 -5.48 6.54
C HIS A 191 -6.71 -5.93 5.49
N PHE A 192 -7.98 -5.58 5.69
CA PHE A 192 -9.01 -5.91 4.72
C PHE A 192 -8.72 -5.27 3.38
N THR A 193 -8.37 -3.98 3.38
CA THR A 193 -8.05 -3.32 2.11
C THR A 193 -6.88 -4.01 1.43
N PHE A 194 -5.90 -4.46 2.22
CA PHE A 194 -4.79 -5.21 1.62
C PHE A 194 -5.29 -6.48 0.93
N GLU A 195 -6.16 -7.24 1.59
CA GLU A 195 -6.61 -8.51 1.03
C GLU A 195 -7.54 -8.30 -0.16
N ARG A 196 -8.61 -7.52 0.03
CA ARG A 196 -9.65 -7.35 -0.99
C ARG A 196 -9.10 -6.73 -2.27
N SER A 197 -8.04 -5.93 -2.17
CA SER A 197 -7.43 -5.34 -3.35
C SER A 197 -6.43 -6.28 -4.04
N GLY A 198 -6.35 -7.53 -3.61
CA GLY A 198 -5.38 -8.44 -4.17
C GLY A 198 -3.95 -7.99 -3.96
N HIS A 199 -3.68 -7.38 -2.81
CA HIS A 199 -2.37 -6.86 -2.39
C HIS A 199 -1.93 -5.65 -3.21
N GLN A 200 -2.80 -5.09 -4.05
CA GLN A 200 -2.40 -3.96 -4.87
C GLN A 200 -2.37 -2.65 -4.10
N LEU A 201 -3.07 -2.56 -2.97
CA LEU A 201 -3.04 -1.36 -2.16
C LEU A 201 -3.36 -1.71 -0.71
N ILE A 202 -3.11 -0.74 0.17
CA ILE A 202 -3.56 -0.80 1.56
C ILE A 202 -3.87 0.62 2.01
N VAL A 203 -4.95 0.76 2.78
CA VAL A 203 -5.35 2.04 3.36
C VAL A 203 -4.91 2.05 4.82
N VAL A 204 -4.01 2.97 5.16
CA VAL A 204 -3.52 3.14 6.52
C VAL A 204 -3.61 4.61 6.88
N ASP A 205 -2.85 5.04 7.89
CA ASP A 205 -2.98 6.38 8.47
C ASP A 205 -4.40 6.59 8.99
N ILE A 206 -4.99 5.52 9.51
CA ILE A 206 -6.37 5.56 10.01
C ILE A 206 -6.42 6.44 11.26
N GLN A 207 -7.27 7.47 11.22
CA GLN A 207 -7.34 8.44 12.30
C GLN A 207 -8.67 9.16 12.18
N GLY A 208 -9.19 9.62 13.30
CA GLY A 208 -10.47 10.32 13.28
C GLY A 208 -11.15 10.25 14.64
N VAL A 209 -12.47 10.36 14.61
CA VAL A 209 -13.31 10.36 15.81
C VAL A 209 -14.17 9.11 15.76
N GLY A 210 -13.92 8.18 16.67
CA GLY A 210 -14.56 6.89 16.60
C GLY A 210 -14.22 6.18 15.32
N ASP A 211 -15.22 5.90 14.49
CA ASP A 211 -15.00 5.25 13.20
C ASP A 211 -15.34 6.17 12.03
N LEU A 212 -15.29 7.48 12.25
CA LEU A 212 -15.31 8.47 11.18
C LEU A 212 -13.86 8.91 10.95
N TYR A 213 -13.27 8.49 9.85
CA TYR A 213 -11.86 8.71 9.58
C TYR A 213 -11.65 9.88 8.62
N THR A 214 -10.49 10.52 8.74
CA THR A 214 -10.09 11.56 7.80
C THR A 214 -8.57 11.50 7.62
N ASP A 215 -8.12 12.17 6.56
CA ASP A 215 -6.71 12.19 6.16
C ASP A 215 -6.03 10.81 6.14
N PRO A 216 -6.64 9.81 5.50
CA PRO A 216 -5.97 8.52 5.38
C PRO A 216 -4.89 8.57 4.32
N GLN A 217 -4.08 7.51 4.27
CA GLN A 217 -3.04 7.37 3.27
C GLN A 217 -3.15 6.01 2.61
N ILE A 218 -2.80 5.94 1.32
CA ILE A 218 -2.88 4.71 0.56
C ILE A 218 -1.48 4.36 0.07
N HIS A 219 -1.06 3.12 0.33
CA HIS A 219 0.14 2.56 -0.28
C HIS A 219 -0.27 1.66 -1.43
N THR A 220 0.42 1.80 -2.57
CA THR A 220 0.12 1.02 -3.76
C THR A 220 1.35 0.27 -4.21
N GLU A 221 1.12 -0.86 -4.88
CA GLU A 221 2.24 -1.68 -5.36
C GLU A 221 3.22 -0.87 -6.20
N THR A 222 2.70 -0.01 -7.08
CA THR A 222 3.57 0.79 -7.93
C THR A 222 4.14 1.99 -7.18
N GLY A 223 3.35 2.62 -6.31
CA GLY A 223 3.82 3.73 -5.53
C GLY A 223 3.88 5.06 -6.26
N THR A 224 3.15 5.20 -7.37
CA THR A 224 3.24 6.40 -8.20
C THR A 224 2.11 7.39 -7.96
N ASP A 225 1.02 6.97 -7.32
CA ASP A 225 -0.16 7.80 -7.12
C ASP A 225 -0.33 8.18 -5.66
N PHE A 226 -1.30 9.06 -5.42
CA PHE A 226 -1.75 9.45 -4.08
C PHE A 226 -0.70 10.20 -3.28
N GLY A 227 0.26 10.83 -3.93
CA GLY A 227 1.14 11.75 -3.25
C GLY A 227 2.36 11.11 -2.61
N ASP A 228 3.07 11.94 -1.86
CA ASP A 228 4.35 11.55 -1.27
C ASP A 228 4.19 10.56 -0.13
N GLY A 229 3.00 10.46 0.48
CA GLY A 229 2.78 9.49 1.51
C GLY A 229 2.66 8.06 1.05
N ASN A 230 2.69 7.82 -0.26
CA ASN A 230 2.63 6.47 -0.81
C ASN A 230 4.04 5.90 -0.81
N LEU A 231 4.35 5.07 0.20
CA LEU A 231 5.63 4.38 0.28
C LEU A 231 5.59 3.01 -0.37
N GLY A 232 4.45 2.58 -0.88
CA GLY A 232 4.37 1.34 -1.63
C GLY A 232 4.56 0.10 -0.76
N VAL A 233 5.25 -0.89 -1.35
CA VAL A 233 5.46 -2.16 -0.66
C VAL A 233 6.23 -1.95 0.63
N ARG A 234 7.03 -0.88 0.72
CA ARG A 234 7.69 -0.57 1.99
C ARG A 234 6.67 -0.18 3.06
N GLY A 235 5.66 0.62 2.68
CA GLY A 235 4.60 0.94 3.62
C GLY A 235 3.81 -0.28 4.04
N MET A 236 3.55 -1.19 3.09
CA MET A 236 2.89 -2.44 3.45
C MET A 236 3.74 -3.23 4.44
N ALA A 237 5.07 -3.23 4.24
CA ALA A 237 5.96 -3.97 5.13
C ALA A 237 5.93 -3.39 6.53
N LEU A 238 5.91 -2.07 6.66
CA LEU A 238 5.81 -1.45 7.98
C LEU A 238 4.52 -1.86 8.68
N PHE A 239 3.39 -1.71 7.98
CA PHE A 239 2.12 -2.11 8.56
C PHE A 239 2.16 -3.55 9.07
N PHE A 240 2.60 -4.48 8.23
CA PHE A 240 2.54 -5.88 8.63
C PHE A 240 3.64 -6.27 9.61
N TYR A 241 4.70 -5.47 9.73
CA TYR A 241 5.65 -5.70 10.81
C TYR A 241 5.00 -5.42 12.15
N SER A 242 4.09 -4.44 12.23
CA SER A 242 3.49 -4.15 13.52
C SER A 242 2.05 -4.65 13.69
N HIS A 243 1.49 -5.40 12.75
CA HIS A 243 0.07 -5.73 12.76
C HIS A 243 -0.19 -7.05 13.46
N ALA A 244 -1.04 -7.03 14.49
CA ALA A 244 -1.51 -8.24 15.15
C ALA A 244 -2.93 -8.53 14.66
N CYS A 245 -3.07 -9.60 13.87
CA CYS A 245 -4.39 -9.99 13.40
C CYS A 245 -5.31 -10.26 14.57
N ASN A 246 -6.56 -9.81 14.46
CA ASN A 246 -7.53 -9.91 15.55
C ASN A 246 -8.75 -10.71 15.09
N ARG A 247 -9.80 -10.66 15.92
CA ARG A 247 -11.00 -11.46 15.64
C ARG A 247 -11.63 -11.08 14.32
N ILE A 248 -11.62 -9.79 13.96
CA ILE A 248 -12.27 -9.38 12.72
C ILE A 248 -11.47 -9.84 11.51
N CYS A 249 -10.14 -9.75 11.59
CA CYS A 249 -9.30 -10.28 10.52
C CYS A 249 -9.62 -11.74 10.25
N GLU A 250 -9.77 -12.53 11.31
CA GLU A 250 -10.02 -13.96 11.15
C GLU A 250 -11.45 -14.25 10.73
N SER A 251 -12.41 -13.43 11.17
CA SER A 251 -13.80 -13.66 10.80
C SER A 251 -14.07 -13.36 9.33
N MET A 252 -13.21 -12.57 8.69
CA MET A 252 -13.34 -12.26 7.27
C MET A 252 -12.42 -13.11 6.40
N GLY A 253 -11.67 -14.03 6.99
CA GLY A 253 -10.78 -14.88 6.22
C GLY A 253 -9.48 -14.23 5.80
N LEU A 254 -9.10 -13.13 6.44
CA LEU A 254 -7.82 -12.49 6.11
C LEU A 254 -6.68 -13.39 6.57
N ALA A 255 -5.78 -13.70 5.64
CA ALA A 255 -4.65 -14.54 6.01
C ALA A 255 -3.60 -13.73 6.76
N PRO A 256 -3.03 -14.26 7.83
CA PRO A 256 -1.98 -13.53 8.55
C PRO A 256 -0.73 -13.39 7.70
N PHE A 257 0.00 -12.33 7.95
CA PHE A 257 1.30 -12.14 7.33
C PHE A 257 2.34 -13.01 8.04
N ASP A 258 3.20 -13.65 7.27
CA ASP A 258 4.19 -14.59 7.80
C ASP A 258 5.32 -13.82 8.49
N LEU A 259 5.29 -13.81 9.82
CA LEU A 259 6.29 -13.12 10.60
C LEU A 259 7.28 -14.10 11.22
N SER A 260 8.49 -13.63 11.47
CA SER A 260 9.50 -14.43 12.13
C SER A 260 9.11 -14.67 13.59
N PRO A 261 9.68 -15.70 14.23
CA PRO A 261 9.37 -15.94 15.65
C PRO A 261 9.60 -14.72 16.54
N ARG A 262 10.73 -14.03 16.38
CA ARG A 262 11.00 -12.85 17.19
C ARG A 262 9.97 -11.75 16.91
N GLU A 263 9.66 -11.51 15.64
CA GLU A 263 8.65 -10.51 15.29
C GLU A 263 7.28 -10.92 15.83
N ARG A 264 6.93 -12.20 15.68
CA ARG A 264 5.64 -12.67 16.17
C ARG A 264 5.53 -12.52 17.68
N ASP A 265 6.63 -12.68 18.41
CA ASP A 265 6.59 -12.51 19.86
C ASP A 265 6.50 -11.03 20.23
N ALA A 266 7.25 -10.17 19.54
CA ALA A 266 7.16 -8.74 19.80
C ALA A 266 5.78 -8.18 19.47
N VAL A 267 5.07 -8.80 18.54
CA VAL A 267 3.71 -8.40 18.25
C VAL A 267 2.69 -9.03 19.20
N ASN A 268 2.94 -10.27 19.64
CA ASN A 268 2.01 -10.96 20.51
C ASN A 268 2.05 -10.48 21.95
N GLN A 269 3.11 -9.77 22.36
CA GLN A 269 3.09 -9.10 23.64
C GLN A 269 2.18 -7.87 23.53
N ASN A 270 0.91 -8.11 23.22
CA ASN A 270 -0.17 -7.12 23.24
C ASN A 270 -1.50 -7.83 23.52
N GLN A 275 -7.76 -9.37 23.65
CA GLN A 275 -8.87 -10.08 24.28
C GLN A 275 -9.75 -9.12 25.06
N SER A 276 -9.14 -8.08 25.64
CA SER A 276 -9.87 -7.07 26.40
C SER A 276 -10.60 -6.07 25.51
N ALA A 277 -10.57 -6.25 24.19
CA ALA A 277 -11.21 -5.32 23.29
C ALA A 277 -12.73 -5.35 23.45
N LYS A 278 -13.36 -4.20 23.22
CA LYS A 278 -14.80 -4.06 23.40
C LYS A 278 -15.57 -4.56 22.17
N TPO A 279 -14.91 -4.57 21.02
CA TPO A 279 -15.56 -4.94 19.77
CB TPO A 279 -14.77 -4.39 18.56
CG2 TPO A 279 -15.26 -5.02 17.26
OG1 TPO A 279 -14.99 -2.98 18.48
P TPO A 279 -13.60 -2.19 18.53
O1P TPO A 279 -13.87 -0.70 19.10
O2P TPO A 279 -13.05 -2.10 17.16
O3P TPO A 279 -12.54 -2.92 19.49
C TPO A 279 -15.74 -6.46 19.67
O TPO A 279 -14.78 -7.20 19.52
N ILE A 280 -17.00 -6.90 19.75
CA ILE A 280 -17.31 -8.32 19.68
C ILE A 280 -17.96 -8.66 18.34
N LEU A 281 -17.70 -9.87 17.85
CA LEU A 281 -18.27 -10.31 16.59
C LEU A 281 -19.77 -10.53 16.73
N ARG A 282 -20.46 -10.48 15.60
CA ARG A 282 -21.91 -10.65 15.57
C ARG A 282 -22.33 -11.96 14.88
N GLY A 283 -21.40 -12.71 14.34
CA GLY A 283 -21.70 -14.00 13.73
C GLY A 283 -22.13 -13.94 12.28
N THR A 284 -22.20 -12.75 11.69
CA THR A 284 -22.61 -12.60 10.29
C THR A 284 -21.53 -11.94 9.43
N GLU A 285 -20.31 -11.81 9.93
CA GLU A 285 -19.23 -11.26 9.14
C GLU A 285 -18.96 -12.14 7.92
N GLU A 286 -19.00 -11.53 6.74
CA GLU A 286 -18.79 -12.27 5.50
C GLU A 286 -17.30 -12.42 5.20
N LYS A 287 -16.97 -13.40 4.37
CA LYS A 287 -15.59 -13.69 4.04
C LYS A 287 -15.11 -12.80 2.90
N CYS A 288 -13.85 -12.40 2.96
CA CYS A 288 -13.25 -11.49 1.99
C CYS A 288 -13.06 -12.17 0.64
N ARG A 304 -6.22 -11.48 -2.85
CA ARG A 304 -5.31 -12.58 -2.54
C ARG A 304 -5.10 -12.69 -1.03
N ALA A 305 -4.42 -13.75 -0.61
CA ALA A 305 -4.15 -13.99 0.80
C ALA A 305 -2.75 -13.50 1.16
N SER A 306 -2.63 -12.89 2.33
CA SER A 306 -1.35 -12.38 2.82
C SER A 306 -0.42 -13.46 3.35
N ALA A 307 -0.72 -14.73 3.08
CA ALA A 307 0.12 -15.85 3.51
C ALA A 307 1.00 -16.30 2.36
N VAL A 308 2.24 -16.66 2.68
CA VAL A 308 3.17 -17.15 1.66
C VAL A 308 2.73 -18.52 1.16
N ALA A 309 2.08 -19.32 2.00
CA ALA A 309 1.60 -20.63 1.58
C ALA A 309 0.55 -20.51 0.47
N LEU A 310 -0.48 -19.68 0.69
CA LEU A 310 -1.54 -19.52 -0.30
C LEU A 310 -1.02 -18.84 -1.56
N GLU A 311 -0.08 -17.89 -1.42
CA GLU A 311 0.46 -17.21 -2.59
C GLU A 311 1.35 -18.14 -3.41
N VAL A 312 2.08 -19.05 -2.74
CA VAL A 312 2.89 -20.02 -3.47
C VAL A 312 1.99 -21.04 -4.17
N GLN A 313 0.93 -21.49 -3.50
CA GLN A 313 0.00 -22.43 -4.13
C GLN A 313 -0.77 -21.79 -5.27
N ARG A 314 -1.00 -20.48 -5.21
CA ARG A 314 -1.73 -19.78 -6.27
C ARG A 314 -0.84 -19.41 -7.46
N LEU A 315 0.48 -19.46 -7.31
CA LEU A 315 1.38 -19.14 -8.41
C LEU A 315 1.88 -20.42 -9.10
N LEU A 320 -4.18 -17.32 -10.81
CA LEU A 320 -4.47 -16.24 -11.76
C LEU A 320 -4.14 -14.89 -11.13
N GLU A 321 -5.08 -14.38 -10.32
CA GLU A 321 -4.83 -13.15 -9.58
C GLU A 321 -3.99 -13.41 -8.34
N LYS A 322 -3.85 -14.66 -7.93
CA LYS A 322 -3.00 -15.00 -6.80
C LYS A 322 -1.54 -14.80 -7.15
N LYS A 323 8.08 -18.22 -12.98
N LYS A 323 -1.23 -14.91 -8.41
CA LYS A 323 7.28 -17.04 -12.66
CA LYS A 323 0.12 -14.72 -8.93
C LYS A 323 7.99 -16.14 -11.65
C LYS A 323 0.64 -13.33 -8.64
N ILE A 324 8.84 -15.25 -12.17
N ILE A 324 -0.09 -12.31 -9.08
CA ILE A 324 9.59 -14.30 -11.34
CA ILE A 324 0.32 -10.92 -8.83
C ILE A 324 8.94 -12.93 -11.45
C ILE A 324 0.41 -10.66 -7.33
N GLY A 325 8.91 -12.19 -10.34
N GLY A 325 -0.59 -11.13 -6.57
CA GLY A 325 8.35 -10.86 -10.32
CA GLY A 325 -0.56 -10.93 -5.13
C GLY A 325 6.85 -10.86 -10.55
C GLY A 325 0.64 -11.57 -4.48
N LYS A 326 6.12 -11.72 -9.84
N LYS A 326 0.92 -12.83 -4.81
CA LYS A 326 4.69 -11.86 -10.01
CA LYS A 326 2.10 -13.48 -4.26
C LYS A 326 3.92 -11.82 -8.70
C LYS A 326 3.38 -12.84 -4.79
N SER A 327 4.59 -11.51 -7.59
N SER A 327 3.32 -12.22 -5.97
CA SER A 327 3.94 -11.46 -6.28
CA SER A 327 4.47 -11.46 -6.45
C SER A 327 4.33 -10.16 -5.59
C SER A 327 4.69 -10.20 -5.61
N ILE A 328 3.33 -9.37 -5.20
N ILE A 328 3.61 -9.64 -5.05
CA ILE A 328 3.59 -8.19 -4.39
CA ILE A 328 3.71 -8.41 -4.27
C ILE A 328 4.09 -8.61 -3.01
C ILE A 328 4.20 -8.67 -2.84
N LEU A 329 3.54 -9.75 -2.48
CA LEU A 329 3.93 -10.27 -1.17
C LEU A 329 5.45 -10.49 -1.09
N GLY A 330 6.04 -11.06 -2.13
CA GLY A 330 7.49 -11.23 -2.14
C GLY A 330 8.24 -9.92 -2.03
N LYS A 331 7.75 -8.88 -2.73
CA LYS A 331 8.38 -7.58 -2.63
C LYS A 331 8.21 -6.97 -1.24
N VAL A 332 7.09 -7.26 -0.58
CA VAL A 332 6.91 -6.79 0.79
C VAL A 332 7.92 -7.46 1.71
N HIS A 333 8.11 -8.77 1.56
CA HIS A 333 9.13 -9.47 2.36
C HIS A 333 10.53 -8.92 2.08
N LEU A 334 10.84 -8.61 0.82
CA LEU A 334 12.15 -8.04 0.50
C LEU A 334 12.32 -6.65 1.12
N ALA A 335 11.26 -5.83 1.07
CA ALA A 335 11.31 -4.54 1.75
C ALA A 335 11.56 -4.71 3.24
N MET A 336 10.95 -5.72 3.84
CA MET A 336 11.22 -6.03 5.24
C MET A 336 12.69 -6.38 5.46
N VAL A 337 13.26 -7.15 4.54
CA VAL A 337 14.68 -7.48 4.62
C VAL A 337 15.51 -6.21 4.66
N ARG A 338 15.27 -5.30 3.71
CA ARG A 338 16.04 -4.06 3.65
C ARG A 338 15.84 -3.22 4.90
N TYR A 339 14.62 -3.19 5.44
CA TYR A 339 14.35 -2.43 6.65
C TYR A 339 15.11 -3.00 7.85
N HIS A 340 15.14 -4.33 7.97
CA HIS A 340 15.95 -4.96 9.01
C HIS A 340 17.41 -4.56 8.86
N GLU A 341 17.95 -4.67 7.64
CA GLU A 341 19.35 -4.36 7.42
C GLU A 341 19.66 -2.91 7.76
N GLY A 342 18.73 -2.00 7.47
CA GLY A 342 18.94 -0.59 7.69
C GLY A 342 18.74 -0.11 9.12
N GLY A 343 18.21 -0.95 10.00
CA GLY A 343 17.99 -0.58 11.38
C GLY A 343 16.65 0.04 11.68
N ARG A 344 15.70 -0.03 10.76
CA ARG A 344 14.37 0.51 11.01
C ARG A 344 13.67 -0.19 12.17
N PHE A 345 13.90 -1.49 12.33
CA PHE A 345 13.29 -2.27 13.39
C PHE A 345 14.23 -2.48 14.58
N CYS A 346 15.36 -1.78 14.59
CA CYS A 346 16.37 -1.98 15.62
C CYS A 346 15.98 -1.21 16.88
N GLU A 347 15.78 -1.93 17.98
CA GLU A 347 15.41 -1.31 19.25
C GLU A 347 16.63 -0.70 19.94
N GLU A 350 20.31 -1.29 19.37
CA GLU A 350 20.74 -2.67 19.56
C GLU A 350 21.45 -3.19 18.32
N GLU A 351 21.46 -4.51 18.16
CA GLU A 351 21.98 -5.15 16.96
C GLU A 351 20.82 -5.59 16.09
N TRP A 352 20.86 -5.24 14.81
CA TRP A 352 19.72 -5.50 13.94
C TRP A 352 19.56 -6.99 13.71
N ASP A 353 18.31 -7.43 13.68
CA ASP A 353 17.92 -8.85 13.66
C ASP A 353 18.31 -9.46 12.32
N GLN A 354 19.39 -10.24 12.30
CA GLN A 354 19.83 -10.87 11.07
C GLN A 354 19.04 -12.13 10.76
N GLU A 355 18.62 -12.88 11.79
CA GLU A 355 17.85 -14.10 11.57
C GLU A 355 16.49 -13.79 10.94
N SER A 356 15.81 -12.76 11.45
CA SER A 356 14.52 -12.38 10.87
C SER A 356 14.70 -11.85 9.45
N ALA A 357 15.77 -11.09 9.21
CA ALA A 357 16.06 -10.64 7.85
C ALA A 357 16.22 -11.82 6.91
N VAL A 358 16.95 -12.86 7.33
CA VAL A 358 17.13 -14.03 6.49
C VAL A 358 15.80 -14.77 6.30
N PHE A 359 15.00 -14.85 7.36
CA PHE A 359 13.68 -15.48 7.26
C PHE A 359 12.85 -14.81 6.17
N HIS A 360 12.81 -13.47 6.16
CA HIS A 360 12.05 -12.76 5.15
C HIS A 360 12.71 -12.86 3.78
N LEU A 361 14.04 -13.00 3.73
CA LEU A 361 14.71 -13.19 2.44
C LEU A 361 14.33 -14.53 1.81
N GLU A 362 14.29 -15.60 2.62
CA GLU A 362 13.87 -16.88 2.08
C GLU A 362 12.41 -16.85 1.66
N HIS A 363 11.56 -16.16 2.44
CA HIS A 363 10.16 -16.05 2.02
C HIS A 363 10.04 -15.29 0.69
N ALA A 364 10.82 -14.22 0.52
CA ALA A 364 10.79 -13.48 -0.73
C ALA A 364 11.32 -14.34 -1.88
N ALA A 365 12.30 -15.20 -1.61
CA ALA A 365 12.81 -16.07 -2.66
C ALA A 365 11.78 -17.10 -3.08
N ASN A 366 11.12 -17.75 -2.12
CA ASN A 366 10.11 -18.74 -2.45
C ASN A 366 8.91 -18.14 -3.17
N LEU A 367 8.72 -16.83 -3.08
CA LEU A 367 7.65 -16.15 -3.80
C LEU A 367 8.11 -15.62 -5.15
N GLY A 368 9.35 -15.89 -5.55
CA GLY A 368 9.81 -15.59 -6.90
C GLY A 368 10.61 -14.32 -7.07
N GLU A 369 10.95 -13.62 -5.99
CA GLU A 369 11.73 -12.39 -6.13
C GLU A 369 13.15 -12.73 -6.56
N LEU A 370 13.54 -12.24 -7.74
CA LEU A 370 14.84 -12.60 -8.32
C LEU A 370 15.99 -12.09 -7.46
N GLU A 371 15.82 -10.91 -6.86
CA GLU A 371 16.87 -10.36 -6.02
C GLU A 371 17.12 -11.26 -4.81
N ALA A 372 16.06 -11.76 -4.19
CA ALA A 372 16.21 -12.68 -3.07
C ALA A 372 16.86 -13.98 -3.52
N ILE A 373 16.50 -14.49 -4.70
CA ILE A 373 17.04 -15.75 -5.19
C ILE A 373 18.54 -15.62 -5.44
N VAL A 374 18.95 -14.54 -6.11
CA VAL A 374 20.38 -14.30 -6.34
C VAL A 374 21.11 -14.16 -5.01
N GLY A 375 20.54 -13.38 -4.09
CA GLY A 375 21.20 -13.16 -2.81
C GLY A 375 21.42 -14.45 -2.05
N LEU A 376 20.38 -15.29 -1.96
CA LEU A 376 20.51 -16.55 -1.25
C LEU A 376 21.46 -17.50 -1.96
N GLY A 377 21.44 -17.51 -3.30
CA GLY A 377 22.40 -18.33 -4.02
C GLY A 377 23.83 -17.93 -3.71
N LEU A 378 24.09 -16.63 -3.64
CA LEU A 378 25.44 -16.17 -3.32
C LEU A 378 25.80 -16.49 -1.87
N MET A 379 24.86 -16.28 -0.94
CA MET A 379 25.14 -16.51 0.47
C MET A 379 25.42 -17.99 0.76
N TYR A 380 24.56 -18.87 0.25
CA TYR A 380 24.75 -20.30 0.44
C TYR A 380 26.00 -20.83 -0.27
N SER A 381 26.53 -20.07 -1.23
CA SER A 381 27.77 -20.42 -1.91
C SER A 381 28.99 -19.77 -1.26
N GLN A 382 28.79 -19.07 -0.14
CA GLN A 382 29.87 -18.35 0.55
C GLN A 382 30.48 -17.28 -0.35
N LEU A 383 29.65 -16.67 -1.19
CA LEU A 383 30.08 -15.64 -2.13
C LEU A 383 29.65 -14.26 -1.65
N PRO A 384 30.34 -13.21 -2.08
CA PRO A 384 29.92 -11.86 -1.69
C PRO A 384 28.55 -11.52 -2.25
N HIS A 385 27.80 -10.72 -1.50
CA HIS A 385 26.42 -10.43 -1.85
C HIS A 385 26.07 -9.01 -1.42
N HIS A 386 25.20 -8.36 -2.20
CA HIS A 386 24.79 -7.00 -1.89
C HIS A 386 23.77 -6.96 -0.76
N ILE A 387 22.77 -7.84 -0.82
CA ILE A 387 21.71 -7.85 0.19
C ILE A 387 22.17 -8.66 1.38
N LEU A 388 22.03 -8.09 2.58
CA LEU A 388 22.52 -8.72 3.82
C LEU A 388 24.00 -9.03 3.72
N ALA A 389 24.78 -8.04 3.26
CA ALA A 389 26.18 -8.26 2.93
C ALA A 389 26.96 -8.81 4.12
N ASP A 390 26.75 -8.23 5.30
CA ASP A 390 27.49 -8.66 6.49
C ASP A 390 26.99 -9.97 7.06
N VAL A 391 25.89 -10.52 6.55
CA VAL A 391 25.36 -11.79 7.02
C VAL A 391 26.07 -12.91 6.26
N SER A 392 26.54 -13.91 6.99
CA SER A 392 27.23 -15.06 6.41
C SER A 392 26.56 -16.32 6.91
N LEU A 393 26.23 -17.23 6.00
CA LEU A 393 25.57 -18.47 6.34
C LEU A 393 26.59 -19.59 6.53
N LYS A 394 26.22 -20.58 7.34
CA LYS A 394 27.12 -21.67 7.66
C LYS A 394 27.44 -22.47 6.41
N GLU A 395 28.68 -22.96 6.35
CA GLU A 395 29.18 -23.70 5.19
C GLU A 395 28.93 -25.19 5.40
N THR A 396 27.83 -25.69 4.85
CA THR A 396 27.55 -27.11 4.82
C THR A 396 27.29 -27.53 3.37
N GLU A 397 27.30 -28.85 3.12
CA GLU A 397 27.16 -29.35 1.77
C GLU A 397 25.74 -29.16 1.25
N GLU A 398 24.75 -29.33 2.13
CA GLU A 398 23.38 -28.98 1.78
C GLU A 398 23.31 -27.53 1.31
N ASN A 399 24.08 -26.65 1.95
CA ASN A 399 24.10 -25.25 1.55
C ASN A 399 24.80 -25.07 0.21
N LYS A 400 25.82 -25.88 -0.10
CA LYS A 400 26.44 -25.81 -1.42
C LYS A 400 25.42 -26.18 -2.50
N THR A 401 24.69 -27.26 -2.29
CA THR A 401 23.64 -27.66 -3.23
C THR A 401 22.60 -26.55 -3.37
N LYS A 402 22.15 -26.00 -2.24
CA LYS A 402 21.12 -24.96 -2.28
C LYS A 402 21.63 -23.71 -2.99
N GLY A 403 22.88 -23.33 -2.74
CA GLY A 403 23.43 -22.16 -3.40
C GLY A 403 23.50 -22.32 -4.90
N PHE A 404 23.98 -23.48 -5.35
CA PHE A 404 24.03 -23.68 -6.80
C PHE A 404 22.62 -23.77 -7.39
N ASP A 405 21.69 -24.41 -6.70
CA ASP A 405 20.33 -24.49 -7.23
C ASP A 405 19.71 -23.11 -7.37
N TYR A 406 19.90 -22.26 -6.36
CA TYR A 406 19.38 -20.89 -6.43
C TYR A 406 20.03 -20.11 -7.56
N LEU A 407 21.35 -20.22 -7.71
CA LEU A 407 22.02 -19.51 -8.79
C LEU A 407 21.55 -19.99 -10.15
N LEU A 408 21.26 -21.29 -10.28
CA LEU A 408 20.77 -21.82 -11.55
C LEU A 408 19.37 -21.31 -11.85
N LYS A 409 18.51 -21.25 -10.83
CA LYS A 409 17.19 -20.65 -11.02
C LYS A 409 17.30 -19.19 -11.45
N ALA A 410 18.19 -18.43 -10.79
CA ALA A 410 18.38 -17.04 -11.15
C ALA A 410 18.91 -16.89 -12.57
N ALA A 411 19.79 -17.80 -12.99
CA ALA A 411 20.29 -17.79 -14.35
C ALA A 411 19.17 -18.05 -15.34
N GLU A 412 18.31 -19.03 -15.04
CA GLU A 412 17.18 -19.32 -15.91
C GLU A 412 16.12 -18.23 -15.87
N ALA A 413 16.16 -17.33 -14.90
CA ALA A 413 15.23 -16.21 -14.83
C ALA A 413 15.76 -14.93 -15.48
N GLY A 414 16.99 -14.93 -15.97
CA GLY A 414 17.53 -13.81 -16.68
C GLY A 414 18.58 -12.94 -15.97
N ASP A 415 19.21 -13.44 -14.90
CA ASP A 415 20.22 -12.67 -14.18
C ASP A 415 21.60 -12.96 -14.74
N ARG A 416 22.25 -11.92 -15.28
CA ARG A 416 23.53 -12.14 -15.98
C ARG A 416 24.62 -12.62 -15.04
N GLN A 417 24.71 -12.04 -13.84
CA GLN A 417 25.74 -12.46 -12.88
C GLN A 417 25.60 -13.93 -12.54
N SER A 418 24.37 -14.40 -12.30
CA SER A 418 24.15 -15.81 -12.02
C SER A 418 24.51 -16.67 -13.22
N MET A 419 24.25 -16.17 -14.42
CA MET A 419 24.57 -16.93 -15.62
C MET A 419 26.08 -17.11 -15.77
N ILE A 420 26.85 -16.06 -15.48
CA ILE A 420 28.31 -16.18 -15.56
C ILE A 420 28.83 -17.11 -14.46
N LEU A 421 28.25 -17.04 -13.26
CA LEU A 421 28.71 -17.94 -12.20
C LEU A 421 28.40 -19.39 -12.53
N VAL A 422 27.22 -19.66 -13.09
CA VAL A 422 26.86 -21.02 -13.46
C VAL A 422 27.74 -21.52 -14.59
N ALA A 423 28.01 -20.66 -15.58
CA ALA A 423 28.94 -21.01 -16.65
C ALA A 423 30.30 -21.40 -16.07
N ARG A 424 30.83 -20.57 -15.18
CA ARG A 424 32.13 -20.88 -14.58
C ARG A 424 32.08 -22.19 -13.79
N ALA A 425 30.97 -22.45 -13.10
CA ALA A 425 30.85 -23.68 -12.34
C ALA A 425 30.90 -24.91 -13.25
N PHE A 426 30.13 -24.88 -14.33
CA PHE A 426 30.17 -25.99 -15.28
C PHE A 426 31.50 -26.06 -16.04
N ASP A 427 32.24 -24.95 -16.10
CA ASP A 427 33.53 -24.95 -16.77
C ASP A 427 34.62 -25.53 -15.89
N SER A 428 34.96 -24.84 -14.80
CA SER A 428 36.09 -25.18 -13.96
C SER A 428 35.74 -25.97 -12.71
N GLY A 429 34.46 -26.12 -12.39
CA GLY A 429 34.05 -26.71 -11.14
C GLY A 429 33.95 -25.74 -9.99
N GLN A 430 34.30 -24.47 -10.19
CA GLN A 430 34.27 -23.48 -9.14
C GLN A 430 32.82 -23.18 -8.74
N ASN A 431 32.51 -23.33 -7.45
CA ASN A 431 31.18 -23.14 -6.89
C ASN A 431 30.16 -24.14 -7.42
N LEU A 432 30.61 -25.19 -8.09
CA LEU A 432 29.70 -26.21 -8.59
C LEU A 432 29.23 -27.11 -7.46
N SER A 433 27.93 -27.39 -7.43
CA SER A 433 27.40 -28.30 -6.43
C SER A 433 28.00 -29.69 -6.62
N PRO A 434 28.28 -30.41 -5.53
CA PRO A 434 28.83 -31.76 -5.68
C PRO A 434 27.86 -32.76 -6.28
N ASP A 435 26.56 -32.45 -6.32
CA ASP A 435 25.60 -33.30 -6.99
C ASP A 435 25.70 -33.23 -8.50
N ARG A 436 26.37 -32.22 -9.03
CA ARG A 436 26.50 -32.01 -10.46
C ARG A 436 27.90 -32.40 -10.93
N CYS A 437 28.14 -32.20 -12.22
CA CYS A 437 29.41 -32.57 -12.83
C CYS A 437 29.82 -31.49 -13.82
N GLN A 438 31.14 -31.32 -13.96
CA GLN A 438 31.67 -30.43 -14.98
C GLN A 438 31.12 -30.83 -16.34
N ASP A 439 30.64 -29.84 -17.09
CA ASP A 439 29.94 -30.09 -18.35
C ASP A 439 30.20 -28.89 -19.26
N TRP A 440 31.06 -29.06 -20.26
CA TRP A 440 31.46 -27.92 -21.07
C TRP A 440 30.40 -27.52 -22.09
N LEU A 441 29.50 -28.43 -22.47
CA LEU A 441 28.36 -28.03 -23.30
C LEU A 441 27.45 -27.08 -22.53
N GLU A 442 27.06 -27.46 -21.31
CA GLU A 442 26.28 -26.58 -20.44
C GLU A 442 27.01 -25.26 -20.19
N ALA A 443 28.33 -25.33 -19.98
CA ALA A 443 29.10 -24.10 -19.75
C ALA A 443 29.05 -23.20 -20.98
N LEU A 444 29.17 -23.78 -22.18
CA LEU A 444 29.05 -22.99 -23.40
C LEU A 444 27.66 -22.35 -23.49
N HIS A 445 26.62 -23.12 -23.18
CA HIS A 445 25.27 -22.58 -23.23
C HIS A 445 25.16 -21.34 -22.36
N TRP A 446 25.69 -21.41 -21.14
CA TRP A 446 25.52 -20.28 -20.22
C TRP A 446 26.44 -19.10 -20.57
N TYR A 447 27.67 -19.38 -21.00
CA TYR A 447 28.53 -18.31 -21.52
C TYR A 447 27.84 -17.56 -22.66
N ASN A 448 27.24 -18.31 -23.59
CA ASN A 448 26.60 -17.68 -24.74
C ASN A 448 25.36 -16.91 -24.32
N THR A 449 24.55 -17.47 -23.41
CA THR A 449 23.39 -16.72 -22.93
C THR A 449 23.81 -15.42 -22.27
N ALA A 450 24.92 -15.44 -21.54
CA ALA A 450 25.40 -14.20 -20.94
C ALA A 450 25.90 -13.23 -22.00
N LEU A 451 26.55 -13.74 -23.06
CA LEU A 451 27.07 -12.86 -24.09
C LEU A 451 25.97 -12.25 -24.94
N GLU A 452 24.80 -12.87 -25.00
CA GLU A 452 23.66 -12.35 -25.73
C GLU A 452 22.78 -11.43 -24.86
N MET A 453 23.35 -10.85 -23.81
CA MET A 453 22.62 -9.93 -22.95
C MET A 453 23.19 -8.51 -23.04
N GLU A 468 33.94 -10.46 -16.75
CA GLU A 468 33.06 -9.38 -17.20
C GLU A 468 33.25 -8.98 -18.69
N PRO A 469 34.49 -8.73 -19.14
CA PRO A 469 34.68 -8.33 -20.54
C PRO A 469 34.16 -9.40 -21.49
N ARG A 470 33.43 -8.97 -22.51
CA ARG A 470 32.83 -9.91 -23.45
C ARG A 470 33.89 -10.70 -24.20
N TYR A 471 35.01 -10.04 -24.54
CA TYR A 471 36.05 -10.74 -25.27
C TYR A 471 36.66 -11.86 -24.44
N MET A 472 36.69 -11.71 -23.11
CA MET A 472 37.19 -12.78 -22.26
C MET A 472 36.34 -14.03 -22.37
N MET A 473 35.02 -13.88 -22.28
CA MET A 473 34.12 -15.02 -22.35
C MET A 473 34.11 -15.64 -23.75
N LEU A 474 34.15 -14.80 -24.78
CA LEU A 474 34.23 -15.32 -26.14
C LEU A 474 35.51 -16.11 -26.34
N ALA A 475 36.63 -15.61 -25.81
CA ALA A 475 37.89 -16.33 -25.93
C ALA A 475 37.85 -17.64 -25.16
N ARG A 476 37.21 -17.66 -23.99
CA ARG A 476 37.11 -18.88 -23.21
C ARG A 476 36.31 -19.94 -23.96
N GLU A 477 35.18 -19.52 -24.56
CA GLU A 477 34.42 -20.42 -25.42
C GLU A 477 35.31 -20.97 -26.54
N ALA A 478 36.14 -20.10 -27.13
CA ALA A 478 36.99 -20.53 -28.23
C ALA A 478 38.01 -21.58 -27.78
N GLU A 479 38.66 -21.38 -26.62
CA GLU A 479 39.61 -22.37 -26.15
C GLU A 479 38.93 -23.70 -25.88
N MET A 480 37.77 -23.64 -25.20
CA MET A 480 37.00 -24.85 -24.91
C MET A 480 36.72 -25.63 -26.19
N LEU A 481 36.26 -24.93 -27.22
CA LEU A 481 35.92 -25.62 -28.47
C LEU A 481 37.15 -26.08 -29.23
N PHE A 482 38.27 -25.36 -29.08
CA PHE A 482 39.50 -25.76 -29.75
C PHE A 482 40.00 -27.09 -29.21
N THR A 483 39.99 -27.26 -27.89
CA THR A 483 40.50 -28.52 -27.35
C THR A 483 39.42 -29.57 -27.14
N GLY A 484 38.22 -29.15 -26.74
CA GLY A 484 37.21 -30.07 -26.28
C GLY A 484 37.56 -30.56 -24.89
N GLY A 485 36.60 -31.27 -24.30
CA GLY A 485 36.77 -31.86 -22.98
C GLY A 485 35.49 -31.76 -22.18
N TYR A 486 35.40 -32.59 -21.13
CA TYR A 486 34.23 -32.65 -20.24
C TYR A 486 32.93 -32.74 -21.04
N GLY A 487 32.90 -33.69 -21.97
CA GLY A 487 31.72 -33.97 -22.75
C GLY A 487 31.53 -33.10 -23.98
N LEU A 488 32.39 -32.12 -24.21
CA LEU A 488 32.29 -31.25 -25.37
C LEU A 488 33.27 -31.73 -26.44
N GLU A 489 32.75 -32.07 -27.61
CA GLU A 489 33.59 -32.44 -28.74
C GLU A 489 34.20 -31.19 -29.38
N LYS A 490 35.43 -31.34 -29.85
CA LYS A 490 36.15 -30.21 -30.43
C LYS A 490 35.46 -29.70 -31.69
N ASP A 491 35.69 -28.42 -31.99
CA ASP A 491 35.14 -27.78 -33.19
C ASP A 491 36.05 -26.63 -33.59
N PRO A 492 37.11 -26.93 -34.35
CA PRO A 492 38.10 -25.87 -34.66
C PRO A 492 37.54 -24.69 -35.44
N GLN A 493 36.60 -24.92 -36.36
N GLN A 493 36.61 -24.93 -36.36
CA GLN A 493 36.05 -23.82 -37.14
CA GLN A 493 36.03 -23.84 -37.14
C GLN A 493 35.25 -22.88 -36.25
C GLN A 493 35.25 -22.88 -36.25
N ARG A 494 34.41 -23.42 -35.37
CA ARG A 494 33.69 -22.58 -34.42
C ARG A 494 34.65 -21.88 -33.47
N SER A 495 35.72 -22.57 -33.08
CA SER A 495 36.72 -21.94 -32.23
C SER A 495 37.35 -20.73 -32.91
N GLY A 496 37.67 -20.84 -34.19
CA GLY A 496 38.21 -19.70 -34.92
C GLY A 496 37.19 -18.59 -35.09
N ASP A 497 35.94 -18.95 -35.34
CA ASP A 497 34.88 -17.94 -35.44
C ASP A 497 34.75 -17.16 -34.13
N LEU A 498 34.77 -17.87 -33.00
CA LEU A 498 34.64 -17.20 -31.71
C LEU A 498 35.88 -16.39 -31.38
N TYR A 499 37.06 -16.85 -31.78
CA TYR A 499 38.26 -16.03 -31.59
C TYR A 499 38.18 -14.75 -32.41
N THR A 500 37.58 -14.81 -33.60
CA THR A 500 37.39 -13.61 -34.40
C THR A 500 36.41 -12.65 -33.73
N GLN A 501 35.29 -13.17 -33.23
CA GLN A 501 34.36 -12.33 -32.47
C GLN A 501 35.06 -11.68 -31.29
N ALA A 502 35.93 -12.44 -30.59
CA ALA A 502 36.64 -11.90 -29.45
C ALA A 502 37.62 -10.81 -29.87
N ALA A 503 38.29 -11.00 -31.01
CA ALA A 503 39.18 -9.96 -31.53
C ALA A 503 38.40 -8.67 -31.82
N GLU A 504 37.23 -8.80 -32.44
CA GLU A 504 36.41 -7.62 -32.71
C GLU A 504 35.96 -6.95 -31.41
N ALA A 505 35.60 -7.74 -30.40
CA ALA A 505 35.22 -7.16 -29.12
C ALA A 505 36.38 -6.44 -28.46
N ALA A 506 37.58 -7.02 -28.53
CA ALA A 506 38.76 -6.37 -27.98
C ALA A 506 39.05 -5.06 -28.71
N MET A 507 38.84 -5.04 -30.03
CA MET A 507 38.96 -3.79 -30.78
C MET A 507 37.97 -2.76 -30.26
N GLU A 508 36.71 -3.16 -30.09
CA GLU A 508 35.70 -2.24 -29.55
C GLU A 508 36.04 -1.77 -28.14
N ALA A 509 36.89 -2.52 -27.42
CA ALA A 509 37.30 -2.13 -26.08
C ALA A 509 38.69 -1.50 -26.04
N MET A 510 39.22 -1.09 -27.20
CA MET A 510 40.54 -0.47 -27.31
C MET A 510 41.66 -1.40 -26.82
N LYS A 511 41.46 -2.70 -26.94
CA LYS A 511 42.49 -3.68 -26.61
C LYS A 511 43.07 -4.24 -27.91
N GLY A 512 43.84 -3.40 -28.60
CA GLY A 512 44.29 -3.73 -29.94
C GLY A 512 45.25 -4.91 -29.95
N ARG A 513 46.23 -4.92 -29.03
CA ARG A 513 47.19 -6.02 -28.99
C ARG A 513 46.51 -7.33 -28.60
N LEU A 514 45.56 -7.26 -27.67
CA LEU A 514 44.75 -8.42 -27.35
C LEU A 514 43.95 -8.88 -28.56
N ALA A 515 43.44 -7.93 -29.35
CA ALA A 515 42.71 -8.28 -30.55
C ALA A 515 43.60 -9.00 -31.56
N ASN A 516 44.85 -8.56 -31.70
CA ASN A 516 45.78 -9.23 -32.60
C ASN A 516 46.09 -10.63 -32.10
N GLN A 517 46.25 -10.79 -30.79
CA GLN A 517 46.45 -12.12 -30.22
C GLN A 517 45.26 -13.03 -30.54
N TYR A 518 44.04 -12.49 -30.45
CA TYR A 518 42.85 -13.29 -30.74
C TYR A 518 42.76 -13.66 -32.22
N TYR A 519 43.13 -12.72 -33.10
CA TYR A 519 43.15 -13.04 -34.53
C TYR A 519 44.16 -14.14 -34.83
N GLN A 520 45.33 -14.08 -34.18
CA GLN A 520 46.33 -15.12 -34.38
C GLN A 520 45.85 -16.47 -33.84
N LYS A 521 45.18 -16.46 -32.70
CA LYS A 521 44.61 -17.70 -32.18
C LYS A 521 43.52 -18.24 -33.10
N ALA A 522 42.77 -17.35 -33.77
CA ALA A 522 41.79 -17.78 -34.74
C ALA A 522 42.46 -18.48 -35.93
N GLU A 523 43.56 -17.90 -36.41
CA GLU A 523 44.32 -18.54 -37.48
C GLU A 523 44.84 -19.91 -37.03
N GLU A 524 45.33 -19.99 -35.78
CA GLU A 524 45.82 -21.27 -35.27
C GLU A 524 44.69 -22.31 -35.21
N ALA A 525 43.52 -21.90 -34.72
CA ALA A 525 42.40 -22.84 -34.64
C ALA A 525 41.96 -23.30 -36.02
N TRP A 526 41.96 -22.40 -37.00
CA TRP A 526 41.56 -22.77 -38.35
C TRP A 526 42.62 -23.60 -39.07
N ALA A 527 43.88 -23.52 -38.63
CA ALA A 527 44.92 -24.33 -39.24
C ALA A 527 44.67 -25.83 -39.08
N GLN A 528 43.86 -26.22 -38.11
CA GLN A 528 43.54 -27.62 -37.89
C GLN A 528 42.56 -28.13 -38.94
N ASP B 80 -40.72 25.58 3.63
CA ASP B 80 -41.07 25.53 5.04
C ASP B 80 -40.77 24.16 5.63
N SER B 81 -41.69 23.21 5.40
CA SER B 81 -41.44 21.84 5.83
C SER B 81 -40.38 21.18 4.96
N GLU B 82 -40.29 21.55 3.68
CA GLU B 82 -39.24 21.02 2.82
C GLU B 82 -37.86 21.46 3.32
N GLU B 83 -37.72 22.74 3.64
CA GLU B 83 -36.46 23.23 4.20
C GLU B 83 -36.16 22.55 5.53
N GLU B 84 -37.18 22.36 6.37
CA GLU B 84 -36.97 21.69 7.65
C GLU B 84 -36.49 20.25 7.46
N ILE B 85 -37.04 19.57 6.44
CA ILE B 85 -36.58 18.21 6.15
C ILE B 85 -35.14 18.22 5.65
N ARG B 86 -34.78 19.23 4.84
CA ARG B 86 -33.40 19.34 4.38
C ARG B 86 -32.44 19.53 5.55
N GLU B 87 -32.79 20.41 6.49
CA GLU B 87 -31.93 20.59 7.67
C GLU B 87 -31.87 19.33 8.52
N ALA B 88 -33.00 18.62 8.66
CA ALA B 88 -32.99 17.35 9.36
C ALA B 88 -32.03 16.36 8.71
N PHE B 89 -32.06 16.28 7.38
CA PHE B 89 -31.13 15.41 6.67
C PHE B 89 -29.70 15.82 6.91
N ARG B 90 -29.42 17.13 6.85
CA ARG B 90 -28.06 17.61 7.10
C ARG B 90 -27.59 17.33 8.52
N VAL B 91 -28.53 17.15 9.46
CA VAL B 91 -28.14 16.77 10.82
C VAL B 91 -27.43 15.41 10.82
N PHE B 92 -27.91 14.47 10.01
CA PHE B 92 -27.41 13.11 10.04
C PHE B 92 -26.38 12.81 8.95
N ASP B 93 -26.44 13.49 7.81
CA ASP B 93 -25.37 13.40 6.81
C ASP B 93 -24.19 14.20 7.33
N LYS B 94 -23.41 13.56 8.21
CA LYS B 94 -22.38 14.28 8.93
C LYS B 94 -21.29 14.84 8.02
N ASP B 95 -20.98 14.16 6.91
CA ASP B 95 -19.93 14.60 6.02
C ASP B 95 -20.43 15.39 4.82
N GLY B 96 -21.74 15.52 4.64
CA GLY B 96 -22.28 16.33 3.58
C GLY B 96 -22.22 15.75 2.18
N ASN B 97 -22.07 14.43 2.03
CA ASN B 97 -21.93 13.83 0.72
C ASN B 97 -23.26 13.37 0.13
N GLY B 98 -24.38 13.58 0.84
CA GLY B 98 -25.69 13.24 0.32
C GLY B 98 -26.23 11.90 0.76
N TYR B 99 -25.49 11.14 1.57
CA TYR B 99 -25.90 9.82 2.01
C TYR B 99 -25.63 9.68 3.50
N ILE B 100 -26.62 9.21 4.24
CA ILE B 100 -26.46 8.88 5.66
C ILE B 100 -25.96 7.45 5.75
N SER B 101 -24.76 7.28 6.30
CA SER B 101 -24.21 5.96 6.51
C SER B 101 -24.41 5.53 7.96
N ALA B 102 -24.24 4.23 8.19
CA ALA B 102 -24.39 3.69 9.55
C ALA B 102 -23.39 4.33 10.51
N ALA B 103 -22.16 4.57 10.05
CA ALA B 103 -21.15 5.17 10.91
C ALA B 103 -21.54 6.59 11.29
N GLU B 104 -21.98 7.38 10.31
CA GLU B 104 -22.42 8.74 10.60
C GLU B 104 -23.59 8.74 11.57
N LEU B 105 -24.57 7.85 11.35
CA LEU B 105 -25.74 7.81 12.23
C LEU B 105 -25.35 7.42 13.65
N ARG B 106 -24.44 6.45 13.80
CA ARG B 106 -23.96 6.07 15.13
C ARG B 106 -23.27 7.24 15.81
N HIS B 107 -22.38 7.94 15.07
CA HIS B 107 -21.67 9.07 15.64
C HIS B 107 -22.65 10.17 16.07
N VAL B 108 -23.65 10.45 15.25
CA VAL B 108 -24.59 11.53 15.55
C VAL B 108 -25.44 11.15 16.77
N MET B 109 -25.93 9.91 16.81
CA MET B 109 -26.72 9.48 17.96
C MET B 109 -25.92 9.53 19.25
N THR B 110 -24.66 9.09 19.21
CA THR B 110 -23.82 9.13 20.40
C THR B 110 -23.52 10.58 20.80
N ASN B 111 -23.33 11.45 19.81
CA ASN B 111 -23.07 12.86 20.08
C ASN B 111 -24.31 13.62 20.53
N LEU B 112 -25.51 13.12 20.19
CA LEU B 112 -26.75 13.78 20.53
C LEU B 112 -27.35 13.29 21.84
N GLY B 113 -26.69 12.37 22.54
CA GLY B 113 -27.23 11.87 23.79
C GLY B 113 -28.44 10.98 23.65
N GLU B 114 -28.55 10.24 22.54
CA GLU B 114 -29.62 9.28 22.34
C GLU B 114 -29.14 7.89 22.71
N LYS B 115 -30.00 7.12 23.37
CA LYS B 115 -29.66 5.79 23.85
C LYS B 115 -30.18 4.76 22.85
N LEU B 116 -29.30 4.35 21.93
CA LEU B 116 -29.63 3.34 20.93
C LEU B 116 -28.45 2.41 20.76
N THR B 117 -28.73 1.10 20.72
CA THR B 117 -27.68 0.14 20.43
C THR B 117 -27.27 0.23 18.96
N ASP B 118 -26.09 -0.33 18.65
CA ASP B 118 -25.60 -0.30 17.29
C ASP B 118 -26.55 -1.05 16.34
N GLU B 119 -27.13 -2.15 16.82
CA GLU B 119 -28.09 -2.89 16.01
C GLU B 119 -29.30 -2.03 15.67
N GLU B 120 -29.75 -1.20 16.62
CA GLU B 120 -30.88 -0.31 16.35
C GLU B 120 -30.52 0.71 15.27
N VAL B 121 -29.29 1.24 15.30
CA VAL B 121 -28.86 2.18 14.28
C VAL B 121 -28.85 1.51 12.91
N ASP B 122 -28.27 0.31 12.84
CA ASP B 122 -28.27 -0.42 11.57
C ASP B 122 -29.68 -0.72 11.09
N GLU B 123 -30.63 -0.93 12.02
CA GLU B 123 -32.00 -1.20 11.63
C GLU B 123 -32.69 0.07 11.11
N MET B 124 -32.44 1.21 11.74
CA MET B 124 -32.95 2.47 11.20
C MET B 124 -32.44 2.71 9.79
N ILE B 125 -31.16 2.40 9.54
CA ILE B 125 -30.64 2.54 8.19
C ILE B 125 -31.34 1.57 7.24
N ARG B 126 -31.50 0.31 7.67
CA ARG B 126 -32.09 -0.70 6.80
C ARG B 126 -33.53 -0.37 6.43
N GLU B 127 -34.29 0.19 7.37
CA GLU B 127 -35.71 0.45 7.13
C GLU B 127 -35.91 1.50 6.05
N ALA B 128 -35.08 2.53 6.02
CA ALA B 128 -35.19 3.59 5.03
C ALA B 128 -34.49 3.26 3.71
N ASP B 129 -33.57 2.31 3.71
CA ASP B 129 -32.78 1.98 2.54
C ASP B 129 -33.61 1.23 1.49
N ILE B 130 -34.27 1.97 0.61
CA ILE B 130 -35.14 1.34 -0.40
C ILE B 130 -34.31 0.68 -1.48
N ASP B 131 -33.20 1.29 -1.88
CA ASP B 131 -32.38 0.75 -2.97
C ASP B 131 -31.36 -0.28 -2.49
N GLY B 132 -31.19 -0.44 -1.18
CA GLY B 132 -30.35 -1.51 -0.66
C GLY B 132 -28.86 -1.25 -0.70
N ASP B 133 -28.42 -0.01 -0.88
CA ASP B 133 -26.99 0.28 -0.92
C ASP B 133 -26.37 0.40 0.47
N GLY B 134 -27.17 0.29 1.53
CA GLY B 134 -26.66 0.41 2.88
C GLY B 134 -26.66 1.81 3.44
N GLN B 135 -27.05 2.81 2.66
CA GLN B 135 -27.09 4.19 3.11
C GLN B 135 -28.43 4.80 2.78
N VAL B 136 -28.77 5.87 3.48
CA VAL B 136 -30.03 6.59 3.29
C VAL B 136 -29.72 7.89 2.56
N ASN B 137 -30.16 7.99 1.30
CA ASN B 137 -30.03 9.23 0.56
C ASN B 137 -31.13 10.20 0.95
N TYR B 138 -31.19 11.35 0.29
CA TYR B 138 -32.15 12.38 0.68
C TYR B 138 -33.58 11.95 0.39
N GLU B 139 -33.80 11.25 -0.72
CA GLU B 139 -35.17 10.90 -1.09
C GLU B 139 -35.74 9.80 -0.20
N GLU B 140 -34.92 8.81 0.16
CA GLU B 140 -35.36 7.80 1.12
C GLU B 140 -35.67 8.45 2.47
N PHE B 141 -34.84 9.40 2.90
CA PHE B 141 -35.10 10.14 4.12
C PHE B 141 -36.43 10.90 4.04
N VAL B 142 -36.68 11.56 2.91
CA VAL B 142 -37.94 12.27 2.71
C VAL B 142 -39.11 11.31 2.82
N GLN B 143 -39.02 10.17 2.14
CA GLN B 143 -40.08 9.17 2.21
C GLN B 143 -40.33 8.74 3.66
N MET B 144 -39.25 8.54 4.42
CA MET B 144 -39.41 8.11 5.80
C MET B 144 -40.09 9.20 6.63
N MET B 145 -39.79 10.47 6.36
CA MET B 145 -40.40 11.55 7.14
C MET B 145 -41.83 11.87 6.70
N THR B 146 -42.13 11.76 5.41
CA THR B 146 -43.43 12.16 4.88
C THR B 146 -44.42 11.00 4.78
N ALA B 147 -44.05 9.81 5.25
CA ALA B 147 -44.96 8.68 5.24
C ALA B 147 -45.80 8.67 6.51
N LYS B 148 -47.10 8.49 6.36
CA LYS B 148 -48.00 8.39 7.50
C LYS B 148 -48.09 6.94 7.97
PB ADP C . -21.78 20.74 2.72
O1B ADP C . -21.67 22.22 3.01
O2B ADP C . -22.60 19.91 3.74
O3B ADP C . -20.41 20.07 2.32
PA ADP C . -23.99 21.50 0.98
O1A ADP C . -23.70 22.75 0.22
O2A ADP C . -24.86 21.59 2.21
O3A ADP C . -22.68 20.72 1.37
O5' ADP C . -24.65 20.51 -0.08
C5' ADP C . -24.69 19.06 0.27
C4' ADP C . -25.42 18.37 -0.86
O4' ADP C . -24.60 18.41 -2.06
C3' ADP C . -25.66 16.91 -0.56
O3' ADP C . -26.90 16.69 0.14
C2' ADP C . -25.63 16.26 -1.96
O2' ADP C . -26.91 16.37 -2.59
C1' ADP C . -24.68 17.17 -2.74
N9 ADP C . -23.32 16.68 -2.79
C8 ADP C . -22.46 16.32 -1.77
N7 ADP C . -21.27 15.90 -2.19
C5 ADP C . -21.34 16.01 -3.59
C6 ADP C . -20.40 15.72 -4.60
N6 ADP C . -19.18 15.27 -4.35
N1 ADP C . -20.81 15.93 -5.88
C2 ADP C . -22.05 16.39 -6.12
N3 ADP C . -23.02 16.70 -5.23
C4 ADP C . -22.60 16.48 -3.96
C01 EKI D . -7.44 16.36 10.54
C03 EKI D . -5.78 16.69 12.36
C05 EKI D . -8.21 17.10 12.82
C06 EKI D . -8.50 16.75 11.49
C08 EKI D . -10.50 17.48 13.27
C09 EKI D . -10.90 17.15 11.94
C10 EKI D . -9.85 16.78 11.08
C11 EKI D . -4.96 15.95 10.11
C12 EKI D . -4.21 17.14 9.50
C16 EKI D . -12.32 17.19 11.55
C19 EKI D . -6.45 17.43 14.64
C20 EKI D . -5.41 18.53 15.01
C21 EKI D . -6.87 18.75 15.34
N02 EKI D . -6.09 16.33 11.02
N04 EKI D . -6.86 17.08 13.26
N07 EKI D . -9.19 17.46 13.70
N15 EKI D . -11.40 17.86 14.23
N18 EKI D . -12.76 17.07 10.24
O13 EKI D . -4.62 16.66 12.74
O14 EKI D . -7.64 16.04 9.38
O17 EKI D . -13.21 17.38 12.40
ZN ZN E . -5.07 -8.78 10.29
CA CA F . -22.55 11.05 4.49
CA CA G . -30.01 4.08 -0.16
#